data_5YPV
#
_entry.id   5YPV
#
_cell.length_a   67.459
_cell.length_b   67.459
_cell.length_c   110.296
_cell.angle_alpha   90.000
_cell.angle_beta   90.000
_cell.angle_gamma   120.000
#
_symmetry.space_group_name_H-M   'P 31 2 1'
#
loop_
_entity.id
_entity.type
_entity.pdbx_description
1 polymer 'Malonyl CoA-acyl carrier protein transacylase'
2 water water
#
_entity_poly.entity_id   1
_entity_poly.type   'polypeptide(L)'
_entity_poly.pdbx_seq_one_letter_code
;AATKTAFVFPGQGSQKVGMLAELAEQFSGVGQTFAEASDALGFDLWHIAQSGEGLDQTENTQPVLLTASIALWRLWLDLG
GLAPKYLAGHSLGEYSALVAAGSMSLADAVKLVNLRGKLMQNAVPQGEGAMAAILGLADDKVVELCQSVSALGQGSVEAA
NYNSQGQVVIAGSTASVQQVMALAKEQSAKAIALPVSVPSHCSLMKPAAEKFAEALEQTAIELPTIPVIQNVNAGIATDV
AQLRQALTAQLYQSVQWTRTMQSLQDQGIQYIVECGPGTVLSNLAKRLPNIEKAFSIDSKSKMEDALNAVLVAA
;
_entity_poly.pdbx_strand_id   A
#
# COMPACT_ATOMS: atom_id res chain seq x y z
N ALA A 1 -9.23 2.79 -22.47
CA ALA A 1 -10.07 2.39 -21.35
C ALA A 1 -10.24 0.87 -21.25
N ALA A 2 -9.50 0.25 -20.33
CA ALA A 2 -9.53 -1.20 -20.18
C ALA A 2 -10.69 -1.60 -19.28
N THR A 3 -11.55 -2.46 -19.79
CA THR A 3 -12.77 -2.81 -19.07
C THR A 3 -12.58 -3.92 -18.03
N LYS A 4 -11.57 -4.77 -18.17
CA LYS A 4 -11.40 -5.94 -17.30
C LYS A 4 -10.10 -5.90 -16.49
N THR A 5 -9.47 -4.73 -16.39
CA THR A 5 -8.13 -4.61 -15.82
C THR A 5 -8.13 -3.51 -14.78
N ALA A 6 -7.61 -3.83 -13.59
CA ALA A 6 -7.41 -2.85 -12.53
C ALA A 6 -5.93 -2.72 -12.21
N PHE A 7 -5.53 -1.54 -11.73
CA PHE A 7 -4.16 -1.32 -11.26
C PHE A 7 -4.14 -1.30 -9.72
N VAL A 8 -3.14 -1.96 -9.14
CA VAL A 8 -2.91 -1.96 -7.69
C VAL A 8 -1.51 -1.44 -7.42
N PHE A 9 -1.39 -0.67 -6.33
CA PHE A 9 -0.14 0.00 -6.00
C PHE A 9 0.38 -0.48 -4.65
N PRO A 10 1.62 -0.92 -4.56
CA PRO A 10 2.11 -1.56 -3.35
C PRO A 10 2.54 -0.55 -2.30
N GLY A 11 2.75 -1.08 -1.11
CA GLY A 11 3.17 -0.27 0.04
C GLY A 11 4.46 -0.73 0.68
N GLN A 12 4.71 -0.26 1.90
CA GLN A 12 5.92 -0.57 2.64
C GLN A 12 6.25 -2.05 2.60
N GLY A 13 7.52 -2.34 2.34
CA GLY A 13 8.01 -3.69 2.17
C GLY A 13 8.28 -4.09 0.73
N SER A 14 7.72 -3.37 -0.24
CA SER A 14 7.98 -3.66 -1.65
C SER A 14 9.24 -2.99 -2.18
N GLN A 15 9.84 -2.07 -1.43
CA GLN A 15 11.05 -1.43 -1.85
C GLN A 15 12.23 -2.40 -1.88
N LYS A 16 13.19 -2.10 -2.75
CA LYS A 16 14.40 -2.92 -2.77
C LYS A 16 15.51 -2.07 -3.35
N VAL A 17 16.72 -2.25 -2.81
CA VAL A 17 17.85 -1.51 -3.34
C VAL A 17 18.04 -1.85 -4.82
N GLY A 18 18.26 -0.82 -5.63
CA GLY A 18 18.46 -0.97 -7.06
C GLY A 18 17.19 -1.03 -7.89
N MET A 19 16.03 -0.84 -7.28
CA MET A 19 14.78 -0.97 -8.01
C MET A 19 14.69 0.09 -9.11
N LEU A 20 14.14 -0.32 -10.25
CA LEU A 20 13.90 0.51 -11.44
C LEU A 20 15.19 0.94 -12.16
N ALA A 21 16.35 0.43 -11.74
CA ALA A 21 17.60 0.96 -12.30
C ALA A 21 17.75 0.60 -13.77
N GLU A 22 17.42 -0.64 -14.13
CA GLU A 22 17.45 -1.02 -15.54
C GLU A 22 16.46 -0.20 -16.34
N LEU A 23 15.22 -0.10 -15.86
CA LEU A 23 14.18 0.66 -16.56
C LEU A 23 14.51 2.15 -16.66
N ALA A 24 15.36 2.66 -15.76
CA ALA A 24 15.72 4.08 -15.81
C ALA A 24 16.82 4.33 -16.84
N GLU A 25 17.72 3.37 -17.03
CA GLU A 25 18.72 3.47 -18.09
C GLU A 25 18.07 3.58 -19.47
N GLN A 26 16.99 2.81 -19.69
CA GLN A 26 16.35 2.74 -20.98
C GLN A 26 15.31 3.84 -21.22
N PHE A 27 14.74 4.41 -20.15
CA PHE A 27 13.65 5.37 -20.25
C PHE A 27 13.93 6.57 -19.36
N SER A 28 14.29 7.70 -19.99
CA SER A 28 14.66 8.89 -19.23
C SER A 28 13.51 9.44 -18.39
N GLY A 29 12.26 9.11 -18.74
CA GLY A 29 11.12 9.55 -17.95
C GLY A 29 11.15 9.08 -16.51
N VAL A 30 11.83 7.97 -16.22
CA VAL A 30 11.96 7.48 -14.84
C VAL A 30 12.76 8.48 -14.01
N GLY A 31 13.97 8.81 -14.47
CA GLY A 31 14.80 9.76 -13.76
C GLY A 31 14.16 11.13 -13.66
N GLN A 32 13.32 11.50 -14.63
CA GLN A 32 12.61 12.78 -14.56
C GLN A 32 11.55 12.75 -13.47
N THR A 33 10.84 11.63 -13.35
CA THR A 33 9.87 11.50 -12.26
C THR A 33 10.56 11.60 -10.90
N PHE A 34 11.73 10.96 -10.75
CA PHE A 34 12.40 11.02 -9.46
C PHE A 34 12.92 12.43 -9.18
N ALA A 35 13.42 13.13 -10.20
CA ALA A 35 13.91 14.49 -9.95
C ALA A 35 12.78 15.41 -9.54
N GLU A 36 11.59 15.25 -10.14
CA GLU A 36 10.45 16.08 -9.79
C GLU A 36 10.03 15.86 -8.32
N ALA A 37 9.94 14.59 -7.89
CA ALA A 37 9.59 14.33 -6.51
C ALA A 37 10.69 14.81 -5.55
N SER A 38 11.96 14.60 -5.93
CA SER A 38 13.07 15.03 -5.08
C SER A 38 13.09 16.54 -4.91
N ASP A 39 12.74 17.28 -5.96
CA ASP A 39 12.64 18.73 -5.86
C ASP A 39 11.58 19.14 -4.83
N ALA A 40 10.45 18.43 -4.81
CA ALA A 40 9.39 18.76 -3.86
C ALA A 40 9.86 18.58 -2.43
N LEU A 41 10.64 17.53 -2.19
CA LEU A 41 11.04 17.15 -0.85
C LEU A 41 12.33 17.80 -0.38
N GLY A 42 13.22 18.18 -1.30
CA GLY A 42 14.49 18.73 -0.89
C GLY A 42 15.57 17.71 -0.59
N PHE A 43 15.41 16.45 -0.99
CA PHE A 43 16.50 15.50 -0.90
C PHE A 43 16.35 14.45 -2.00
N ASP A 44 17.44 13.74 -2.28
CA ASP A 44 17.53 12.89 -3.49
C ASP A 44 16.93 11.52 -3.22
N LEU A 45 15.70 11.31 -3.72
CA LEU A 45 14.99 10.04 -3.56
C LEU A 45 15.59 8.92 -4.41
N TRP A 46 16.13 9.24 -5.59
CA TRP A 46 16.76 8.20 -6.40
C TRP A 46 18.01 7.66 -5.70
N HIS A 47 18.76 8.53 -5.03
CA HIS A 47 19.94 8.07 -4.33
C HIS A 47 19.57 7.11 -3.22
N ILE A 48 18.52 7.40 -2.46
CA ILE A 48 18.06 6.46 -1.44
C ILE A 48 17.72 5.11 -2.06
N ALA A 49 16.97 5.14 -3.17
CA ALA A 49 16.54 3.90 -3.81
C ALA A 49 17.73 3.10 -4.34
N GLN A 50 18.80 3.77 -4.73
CA GLN A 50 19.89 3.04 -5.39
C GLN A 50 21.01 2.65 -4.45
N SER A 51 21.23 3.43 -3.38
CA SER A 51 22.21 3.10 -2.34
C SER A 51 21.61 2.29 -1.20
N GLY A 52 20.31 2.39 -0.96
CA GLY A 52 19.72 1.84 0.23
C GLY A 52 19.94 2.66 1.49
N GLU A 53 20.71 3.74 1.43
CA GLU A 53 20.97 4.53 2.64
C GLU A 53 19.67 5.20 3.05
N GLY A 54 19.11 4.74 4.17
CA GLY A 54 17.83 5.25 4.66
C GLY A 54 16.61 4.65 4.00
N LEU A 55 16.77 3.72 3.06
CA LEU A 55 15.62 3.25 2.30
C LEU A 55 14.56 2.63 3.19
N ASP A 56 14.96 2.01 4.29
CA ASP A 56 14.00 1.23 5.07
C ASP A 56 13.40 2.03 6.21
N GLN A 57 13.78 3.29 6.36
CA GLN A 57 13.13 4.19 7.33
C GLN A 57 11.90 4.78 6.66
N THR A 58 10.73 4.56 7.26
CA THR A 58 9.49 4.73 6.50
C THR A 58 9.27 6.18 6.06
N GLU A 59 9.84 7.18 6.73
CA GLU A 59 9.70 8.53 6.23
C GLU A 59 10.38 8.68 4.87
N ASN A 60 11.35 7.81 4.57
CA ASN A 60 11.94 7.75 3.23
C ASN A 60 11.26 6.69 2.39
N THR A 61 10.91 5.55 2.98
CA THR A 61 10.35 4.48 2.17
C THR A 61 9.09 4.95 1.44
N GLN A 62 8.25 5.72 2.12
CA GLN A 62 6.94 6.08 1.57
C GLN A 62 7.09 7.00 0.35
N PRO A 63 7.86 8.10 0.40
CA PRO A 63 7.99 8.90 -0.81
C PRO A 63 8.81 8.18 -1.89
N VAL A 64 9.78 7.33 -1.52
CA VAL A 64 10.52 6.58 -2.53
C VAL A 64 9.57 5.65 -3.27
N LEU A 65 8.72 4.92 -2.53
CA LEU A 65 7.82 3.97 -3.18
C LEU A 65 6.75 4.65 -4.00
N LEU A 66 6.18 5.75 -3.48
CA LEU A 66 5.16 6.46 -4.23
C LEU A 66 5.73 6.99 -5.53
N THR A 67 6.96 7.54 -5.46
CA THR A 67 7.63 8.03 -6.66
C THR A 67 7.89 6.91 -7.65
N ALA A 68 8.43 5.78 -7.19
CA ALA A 68 8.66 4.63 -8.07
C ALA A 68 7.37 4.21 -8.75
N SER A 69 6.29 4.11 -7.98
CA SER A 69 5.00 3.72 -8.54
C SER A 69 4.54 4.68 -9.64
N ILE A 70 4.66 5.99 -9.39
CA ILE A 70 4.23 6.97 -10.38
C ILE A 70 5.17 7.00 -11.57
N ALA A 71 6.46 6.74 -11.36
CA ALA A 71 7.36 6.61 -12.51
C ALA A 71 6.87 5.50 -13.45
N LEU A 72 6.51 4.34 -12.90
CA LEU A 72 6.08 3.22 -13.73
C LEU A 72 4.72 3.48 -14.35
N TRP A 73 3.83 4.13 -13.61
CA TRP A 73 2.54 4.55 -14.16
C TRP A 73 2.75 5.45 -15.38
N ARG A 74 3.62 6.44 -15.25
CA ARG A 74 3.85 7.36 -16.35
C ARG A 74 4.44 6.63 -17.56
N LEU A 75 5.33 5.68 -17.33
CA LEU A 75 5.93 4.91 -18.42
C LEU A 75 4.88 4.04 -19.11
N TRP A 76 4.08 3.31 -18.33
CA TRP A 76 2.98 2.53 -18.88
C TRP A 76 2.10 3.38 -19.81
N LEU A 77 1.62 4.52 -19.32
CA LEU A 77 0.79 5.37 -20.16
C LEU A 77 1.57 5.91 -21.37
N ASP A 78 2.87 6.17 -21.19
CA ASP A 78 3.67 6.69 -22.29
C ASP A 78 3.87 5.64 -23.38
N LEU A 79 4.09 4.39 -22.99
CA LEU A 79 4.30 3.31 -23.96
C LEU A 79 3.01 2.79 -24.55
N GLY A 80 1.88 3.44 -24.30
CA GLY A 80 0.63 3.06 -24.92
C GLY A 80 -0.27 2.14 -24.11
N GLY A 81 -0.06 2.02 -22.80
CA GLY A 81 -0.95 1.19 -22.01
C GLY A 81 -2.35 1.77 -21.91
N LEU A 82 -3.33 0.89 -21.77
CA LEU A 82 -4.71 1.31 -21.55
C LEU A 82 -4.92 1.76 -20.11
N ALA A 83 -5.90 2.65 -19.91
CA ALA A 83 -6.25 3.14 -18.57
C ALA A 83 -7.11 2.11 -17.84
N PRO A 84 -6.71 1.69 -16.65
CA PRO A 84 -7.50 0.69 -15.94
C PRO A 84 -8.85 1.26 -15.52
N LYS A 85 -9.78 0.33 -15.28
CA LYS A 85 -11.13 0.70 -14.86
C LYS A 85 -11.19 1.14 -13.40
N TYR A 86 -10.43 0.48 -12.53
CA TYR A 86 -10.37 0.86 -11.12
C TYR A 86 -8.92 0.87 -10.67
N LEU A 87 -8.66 1.64 -9.60
CA LEU A 87 -7.38 1.69 -8.89
C LEU A 87 -7.61 1.33 -7.43
N ALA A 88 -6.58 0.78 -6.80
CA ALA A 88 -6.53 0.53 -5.36
C ALA A 88 -5.07 0.43 -4.97
N GLY A 89 -4.73 0.87 -3.76
CA GLY A 89 -3.37 0.75 -3.31
C GLY A 89 -3.34 0.39 -1.84
N HIS A 90 -2.28 -0.32 -1.47
CA HIS A 90 -2.17 -0.89 -0.12
C HIS A 90 -1.46 0.10 0.80
N SER A 91 -2.24 0.77 1.64
CA SER A 91 -1.75 1.71 2.68
C SER A 91 -1.07 2.92 2.05
N LEU A 92 0.28 2.94 1.99
CA LEU A 92 0.96 4.00 1.24
C LEU A 92 0.46 4.02 -0.20
N GLY A 93 0.22 2.84 -0.75
CA GLY A 93 -0.22 2.82 -2.15
C GLY A 93 -1.53 3.52 -2.44
N GLU A 94 -2.39 3.69 -1.44
CA GLU A 94 -3.60 4.47 -1.66
C GLU A 94 -3.26 5.88 -2.14
N TYR A 95 -2.19 6.45 -1.59
CA TYR A 95 -1.76 7.79 -2.02
C TYR A 95 -1.18 7.74 -3.43
N SER A 96 -0.45 6.68 -3.75
CA SER A 96 0.02 6.49 -5.11
C SER A 96 -1.16 6.41 -6.09
N ALA A 97 -2.23 5.67 -5.72
CA ALA A 97 -3.42 5.61 -6.59
C ALA A 97 -4.03 6.99 -6.79
N LEU A 98 -4.12 7.80 -5.72
CA LEU A 98 -4.71 9.12 -5.82
C LEU A 98 -3.89 10.04 -6.73
N VAL A 99 -2.56 9.88 -6.75
CA VAL A 99 -1.73 10.65 -7.69
C VAL A 99 -1.97 10.16 -9.12
N ALA A 100 -2.00 8.84 -9.31
CA ALA A 100 -2.20 8.27 -10.63
C ALA A 100 -3.52 8.71 -11.22
N ALA A 101 -4.50 8.96 -10.35
CA ALA A 101 -5.86 9.31 -10.74
C ALA A 101 -6.10 10.81 -10.79
N GLY A 102 -5.04 11.61 -10.65
CA GLY A 102 -5.12 13.05 -10.73
C GLY A 102 -5.73 13.72 -9.52
N SER A 103 -5.92 12.98 -8.43
CA SER A 103 -6.55 13.52 -7.22
C SER A 103 -5.58 14.42 -6.43
N MET A 104 -4.28 14.16 -6.52
CA MET A 104 -3.23 14.92 -5.86
C MET A 104 -2.03 14.99 -6.79
N SER A 105 -1.29 16.09 -6.75
CA SER A 105 -0.08 16.15 -7.57
C SER A 105 1.03 15.30 -6.96
N LEU A 106 1.95 14.83 -7.80
CA LEU A 106 3.13 14.13 -7.31
C LEU A 106 3.82 14.89 -6.18
N ALA A 107 3.99 16.22 -6.35
CA ALA A 107 4.74 16.97 -5.35
C ALA A 107 4.00 17.05 -4.01
N ASP A 108 2.69 17.32 -4.03
CA ASP A 108 1.92 17.39 -2.80
C ASP A 108 1.93 16.03 -2.10
N ALA A 109 1.73 14.98 -2.86
CA ALA A 109 1.63 13.67 -2.21
C ALA A 109 2.97 13.17 -1.68
N VAL A 110 4.07 13.42 -2.39
CA VAL A 110 5.35 12.97 -1.88
C VAL A 110 5.70 13.71 -0.57
N LYS A 111 5.34 14.99 -0.49
CA LYS A 111 5.46 15.67 0.81
C LYS A 111 4.55 15.05 1.84
N LEU A 112 3.28 14.86 1.50
CA LEU A 112 2.33 14.32 2.46
C LEU A 112 2.78 12.97 2.99
N VAL A 113 3.22 12.05 2.13
CA VAL A 113 3.61 10.73 2.65
C VAL A 113 4.99 10.74 3.33
N ASN A 114 5.86 11.71 3.03
CA ASN A 114 7.02 11.96 3.89
C ASN A 114 6.59 12.34 5.31
N LEU A 115 5.59 13.21 5.42
CA LEU A 115 5.05 13.57 6.75
C LEU A 115 4.38 12.38 7.40
N ARG A 116 3.57 11.65 6.63
CA ARG A 116 2.93 10.44 7.14
C ARG A 116 3.96 9.50 7.76
N GLY A 117 5.08 9.31 7.07
CA GLY A 117 6.14 8.44 7.58
C GLY A 117 6.81 8.95 8.83
N LYS A 118 7.07 10.24 8.88
CA LYS A 118 7.65 10.82 10.09
C LYS A 118 6.74 10.61 11.30
N LEU A 119 5.45 10.87 11.12
CA LEU A 119 4.52 10.78 12.23
C LEU A 119 4.35 9.35 12.67
N MET A 120 4.27 8.41 11.71
CA MET A 120 4.19 6.99 12.05
C MET A 120 5.40 6.52 12.85
N GLN A 121 6.59 6.96 12.43
CA GLN A 121 7.82 6.58 13.12
C GLN A 121 7.82 7.02 14.58
N ASN A 122 7.18 8.15 14.87
CA ASN A 122 7.18 8.71 16.21
C ASN A 122 5.95 8.32 17.02
N ALA A 123 5.09 7.45 16.50
CA ALA A 123 3.81 7.21 17.15
C ALA A 123 3.97 6.54 18.50
N VAL A 124 4.85 5.55 18.59
CA VAL A 124 5.12 4.91 19.88
C VAL A 124 6.63 4.84 20.05
N PRO A 125 7.11 4.74 21.30
CA PRO A 125 8.55 4.65 21.51
C PRO A 125 9.14 3.41 20.86
N GLN A 126 10.38 3.53 20.41
CA GLN A 126 11.02 2.46 19.66
C GLN A 126 10.96 1.16 20.46
N GLY A 127 10.58 0.08 19.79
CA GLY A 127 10.46 -1.22 20.41
C GLY A 127 9.13 -1.52 21.06
N GLU A 128 8.25 -0.54 21.21
CA GLU A 128 7.00 -0.74 21.91
C GLU A 128 5.88 -1.22 20.97
N GLY A 129 6.10 -1.17 19.67
CA GLY A 129 5.10 -1.61 18.72
C GLY A 129 5.67 -2.67 17.81
N ALA A 130 4.76 -3.46 17.23
CA ALA A 130 5.17 -4.55 16.35
C ALA A 130 4.03 -4.87 15.39
N MET A 131 4.36 -5.66 14.35
CA MET A 131 3.37 -6.21 13.43
C MET A 131 3.76 -7.66 13.15
N ALA A 132 2.75 -8.51 12.91
CA ALA A 132 3.07 -9.90 12.59
C ALA A 132 2.03 -10.44 11.64
N ALA A 133 2.40 -11.48 10.87
CA ALA A 133 1.45 -12.14 9.99
C ALA A 133 0.91 -13.39 10.64
N ILE A 134 -0.41 -13.54 10.64
CA ILE A 134 -1.08 -14.74 11.15
C ILE A 134 -1.59 -15.50 9.94
N LEU A 135 -1.21 -16.77 9.80
CA LEU A 135 -1.54 -17.53 8.58
C LEU A 135 -2.36 -18.76 8.90
N GLY A 136 -3.48 -18.91 8.19
CA GLY A 136 -4.31 -20.12 8.24
C GLY A 136 -5.63 -19.96 8.96
N LEU A 137 -5.92 -18.81 9.54
CA LEU A 137 -7.16 -18.58 10.26
C LEU A 137 -8.08 -17.59 9.54
N ALA A 138 -9.38 -17.77 9.76
CA ALA A 138 -10.36 -16.82 9.20
C ALA A 138 -10.22 -15.46 9.87
N ASP A 139 -10.67 -14.44 9.14
CA ASP A 139 -10.63 -13.06 9.68
C ASP A 139 -11.24 -12.98 11.08
N ASP A 140 -12.47 -13.50 11.27
CA ASP A 140 -13.12 -13.34 12.57
C ASP A 140 -12.34 -14.00 13.69
N LYS A 141 -11.65 -15.10 13.40
CA LYS A 141 -10.85 -15.76 14.42
C LYS A 141 -9.66 -14.90 14.83
N VAL A 142 -9.00 -14.28 13.87
CA VAL A 142 -7.88 -13.41 14.26
C VAL A 142 -8.37 -12.24 15.08
N VAL A 143 -9.53 -11.67 14.70
CA VAL A 143 -10.11 -10.58 15.47
C VAL A 143 -10.39 -11.02 16.90
N GLU A 144 -10.97 -12.21 17.07
CA GLU A 144 -11.29 -12.69 18.40
C GLU A 144 -10.04 -12.86 19.24
N LEU A 145 -8.98 -13.45 18.67
CA LEU A 145 -7.73 -13.58 19.39
C LEU A 145 -7.22 -12.22 19.85
N CYS A 146 -7.20 -11.26 18.93
CA CYS A 146 -6.71 -9.92 19.24
C CYS A 146 -7.55 -9.24 20.30
N GLN A 147 -8.87 -9.39 20.23
CA GLN A 147 -9.74 -8.80 21.24
C GLN A 147 -9.47 -9.39 22.62
N SER A 148 -9.28 -10.72 22.69
CA SER A 148 -9.05 -11.36 23.99
C SER A 148 -7.73 -10.93 24.60
N VAL A 149 -6.65 -10.88 23.80
CA VAL A 149 -5.34 -10.48 24.33
C VAL A 149 -5.40 -9.02 24.76
N SER A 150 -6.04 -8.18 23.95
CA SER A 150 -6.22 -6.77 24.31
C SER A 150 -6.97 -6.62 25.63
N ALA A 151 -7.87 -7.55 25.94
CA ALA A 151 -8.62 -7.46 27.19
C ALA A 151 -7.78 -7.83 28.40
N LEU A 152 -6.60 -8.43 28.21
CA LEU A 152 -5.78 -8.78 29.35
C LEU A 152 -5.11 -7.57 29.98
N GLY A 153 -5.25 -6.39 29.38
CA GLY A 153 -4.68 -5.15 29.87
C GLY A 153 -3.22 -4.92 29.52
N GLN A 154 -2.53 -5.90 28.95
CA GLN A 154 -1.09 -5.83 28.76
C GLN A 154 -0.68 -4.99 27.56
N GLY A 155 -1.60 -4.23 26.97
CA GLY A 155 -1.39 -3.61 25.67
C GLY A 155 -2.57 -3.84 24.76
N SER A 156 -2.43 -3.34 23.55
CA SER A 156 -3.48 -3.32 22.54
C SER A 156 -2.99 -4.09 21.32
N VAL A 157 -3.84 -4.90 20.71
CA VAL A 157 -3.44 -5.56 19.45
C VAL A 157 -4.69 -5.75 18.59
N GLU A 158 -4.58 -5.49 17.28
CA GLU A 158 -5.73 -5.46 16.40
C GLU A 158 -5.34 -6.04 15.04
N ALA A 159 -6.36 -6.49 14.31
CA ALA A 159 -6.16 -6.86 12.91
C ALA A 159 -5.83 -5.60 12.12
N ALA A 160 -4.69 -5.60 11.43
CA ALA A 160 -4.19 -4.40 10.74
C ALA A 160 -4.26 -4.50 9.24
N ASN A 161 -4.06 -5.68 8.64
CA ASN A 161 -4.22 -5.85 7.21
C ASN A 161 -4.99 -7.15 7.01
N TYR A 162 -6.10 -7.11 6.29
CA TYR A 162 -6.71 -8.34 5.75
C TYR A 162 -6.17 -8.47 4.33
N ASN A 163 -5.21 -9.37 4.13
CA ASN A 163 -4.52 -9.35 2.86
C ASN A 163 -5.05 -10.39 1.88
N SER A 164 -5.39 -11.56 2.39
CA SER A 164 -6.05 -12.59 1.59
C SER A 164 -6.71 -13.53 2.59
N GLN A 165 -7.62 -14.40 2.11
CA GLN A 165 -8.27 -15.28 3.08
C GLN A 165 -7.20 -16.20 3.70
N GLY A 166 -7.06 -16.15 5.01
CA GLY A 166 -5.99 -16.89 5.64
C GLY A 166 -4.68 -16.14 5.85
N GLN A 167 -4.63 -14.85 5.52
CA GLN A 167 -3.40 -14.08 5.68
C GLN A 167 -3.83 -12.75 6.29
N VAL A 168 -3.65 -12.58 7.59
CA VAL A 168 -4.05 -11.37 8.30
C VAL A 168 -2.82 -10.85 9.00
N VAL A 169 -2.50 -9.59 8.81
CA VAL A 169 -1.43 -8.94 9.57
C VAL A 169 -2.04 -8.26 10.79
N ILE A 170 -1.46 -8.49 11.97
CA ILE A 170 -1.89 -7.83 13.20
C ILE A 170 -0.86 -6.80 13.58
N ALA A 171 -1.29 -5.87 14.45
CA ALA A 171 -0.40 -4.79 14.89
C ALA A 171 -0.81 -4.33 16.28
N GLY A 172 0.16 -3.82 17.03
CA GLY A 172 -0.11 -3.27 18.35
C GLY A 172 1.12 -3.32 19.26
N SER A 173 0.85 -3.35 20.56
CA SER A 173 1.93 -3.40 21.55
C SER A 173 2.74 -4.67 21.34
N THR A 174 4.07 -4.54 21.42
CA THR A 174 4.95 -5.65 21.07
C THR A 174 4.59 -6.92 21.82
N ALA A 175 4.43 -6.83 23.15
CA ALA A 175 4.11 -8.04 23.91
C ALA A 175 2.76 -8.62 23.51
N SER A 176 1.78 -7.78 23.14
CA SER A 176 0.45 -8.27 22.79
C SER A 176 0.48 -8.98 21.45
N VAL A 177 1.25 -8.43 20.50
CA VAL A 177 1.49 -9.08 19.20
C VAL A 177 2.16 -10.43 19.40
N GLN A 178 3.16 -10.47 20.29
CA GLN A 178 3.82 -11.75 20.56
C GLN A 178 2.84 -12.76 21.16
N GLN A 179 1.92 -12.29 22.00
CA GLN A 179 0.97 -13.18 22.64
C GLN A 179 0.00 -13.75 21.62
N VAL A 180 -0.53 -12.92 20.72
CA VAL A 180 -1.40 -13.44 19.67
C VAL A 180 -0.65 -14.43 18.79
N MET A 181 0.63 -14.14 18.45
CA MET A 181 1.39 -15.09 17.65
C MET A 181 1.46 -16.45 18.36
N ALA A 182 1.69 -16.41 19.67
CA ALA A 182 1.80 -17.66 20.44
C ALA A 182 0.48 -18.44 20.47
N LEU A 183 -0.63 -17.74 20.67
CA LEU A 183 -1.95 -18.37 20.71
C LEU A 183 -2.33 -18.88 19.33
N ALA A 184 -2.00 -18.12 18.28
CA ALA A 184 -2.29 -18.62 16.93
C ALA A 184 -1.57 -19.95 16.68
N LYS A 185 -0.29 -20.01 17.06
CA LYS A 185 0.47 -21.26 16.91
C LYS A 185 -0.09 -22.38 17.77
N GLU A 186 -0.48 -22.07 19.02
CA GLU A 186 -1.08 -23.09 19.90
C GLU A 186 -2.36 -23.65 19.29
N GLN A 187 -3.07 -22.85 18.50
CA GLN A 187 -4.29 -23.27 17.86
C GLN A 187 -4.07 -23.75 16.42
N SER A 188 -2.83 -24.11 16.09
CA SER A 188 -2.40 -24.84 14.91
C SER A 188 -2.28 -23.97 13.66
N ALA A 189 -2.23 -22.66 13.84
CA ALA A 189 -1.95 -21.74 12.75
C ALA A 189 -0.46 -21.44 12.73
N LYS A 190 -0.06 -20.59 11.78
CA LYS A 190 1.32 -20.15 11.64
C LYS A 190 1.39 -18.65 11.92
N ALA A 191 2.55 -18.19 12.38
CA ALA A 191 2.71 -16.77 12.70
C ALA A 191 4.15 -16.37 12.53
N ILE A 192 4.40 -15.26 11.86
CA ILE A 192 5.78 -14.78 11.74
C ILE A 192 5.84 -13.29 12.05
N ALA A 193 6.91 -12.87 12.70
CA ALA A 193 7.12 -11.45 12.97
C ALA A 193 7.51 -10.74 11.68
N LEU A 194 7.04 -9.54 11.53
CA LEU A 194 7.44 -8.78 10.38
C LEU A 194 8.54 -7.80 10.78
N PRO A 195 9.37 -7.39 9.83
CA PRO A 195 10.49 -6.49 10.12
C PRO A 195 10.08 -5.02 10.09
N VAL A 196 9.10 -4.66 10.89
CA VAL A 196 8.78 -3.26 11.11
C VAL A 196 8.72 -3.01 12.62
N SER A 197 8.78 -1.76 12.98
CA SER A 197 8.62 -1.38 14.38
C SER A 197 7.41 -0.51 14.59
N VAL A 198 6.83 0.02 13.52
CA VAL A 198 5.70 0.92 13.58
C VAL A 198 4.44 0.05 13.55
N PRO A 199 3.56 0.14 14.55
CA PRO A 199 2.34 -0.68 14.55
C PRO A 199 1.27 0.01 13.71
N SER A 200 1.39 -0.07 12.39
CA SER A 200 0.44 0.67 11.57
C SER A 200 -0.95 0.00 11.58
N HIS A 201 -1.97 0.83 11.31
CA HIS A 201 -3.34 0.36 11.07
C HIS A 201 -3.95 -0.29 12.30
N CYS A 202 -3.62 0.27 13.47
CA CYS A 202 -4.26 -0.11 14.71
C CYS A 202 -4.42 1.16 15.53
N SER A 203 -5.08 1.00 16.67
CA SER A 203 -5.44 2.17 17.49
C SER A 203 -4.22 2.89 18.07
N LEU A 204 -3.03 2.24 18.13
CA LEU A 204 -1.85 2.94 18.61
C LEU A 204 -1.45 4.08 17.68
N MET A 205 -1.94 4.06 16.44
CA MET A 205 -1.70 5.11 15.48
C MET A 205 -2.68 6.26 15.59
N LYS A 206 -3.69 6.21 16.47
CA LYS A 206 -4.69 7.28 16.43
C LYS A 206 -4.09 8.66 16.71
N PRO A 207 -3.19 8.85 17.70
CA PRO A 207 -2.59 10.19 17.86
C PRO A 207 -1.82 10.68 16.65
N ALA A 208 -1.07 9.79 16.01
CA ALA A 208 -0.37 10.19 14.80
C ALA A 208 -1.36 10.54 13.69
N ALA A 209 -2.46 9.77 13.59
CA ALA A 209 -3.49 10.05 12.60
C ALA A 209 -4.15 11.42 12.83
N GLU A 210 -4.34 11.79 14.09
CA GLU A 210 -4.89 13.11 14.43
C GLU A 210 -3.96 14.22 13.97
N LYS A 211 -2.66 14.06 14.20
CA LYS A 211 -1.71 15.06 13.73
C LYS A 211 -1.71 15.12 12.21
N PHE A 212 -1.74 13.95 11.55
CA PHE A 212 -1.66 13.93 10.10
C PHE A 212 -2.91 14.53 9.48
N ALA A 213 -4.07 14.31 10.11
CA ALA A 213 -5.33 14.87 9.62
C ALA A 213 -5.27 16.39 9.51
N GLU A 214 -4.54 17.05 10.41
CA GLU A 214 -4.48 18.51 10.33
C GLU A 214 -3.85 18.95 9.02
N ALA A 215 -2.79 18.27 8.61
CA ALA A 215 -2.14 18.52 7.32
C ALA A 215 -3.03 18.10 6.17
N LEU A 216 -3.64 16.92 6.29
CA LEU A 216 -4.44 16.40 5.20
C LEU A 216 -5.63 17.31 4.92
N GLU A 217 -6.21 17.87 5.98
CA GLU A 217 -7.41 18.68 5.85
C GLU A 217 -7.15 19.92 5.03
N GLN A 218 -5.91 20.41 5.03
CA GLN A 218 -5.53 21.60 4.29
C GLN A 218 -4.79 21.29 3.00
N THR A 219 -4.84 20.06 2.51
CA THR A 219 -4.22 19.67 1.26
C THR A 219 -5.28 19.67 0.16
N ALA A 220 -4.89 20.10 -1.05
CA ALA A 220 -5.79 20.14 -2.19
C ALA A 220 -6.03 18.72 -2.71
N ILE A 221 -7.28 18.30 -2.75
CA ILE A 221 -7.65 16.99 -3.28
C ILE A 221 -8.83 17.18 -4.23
N GLU A 222 -8.76 16.52 -5.39
CA GLU A 222 -9.86 16.43 -6.33
C GLU A 222 -10.35 14.98 -6.42
N LEU A 223 -11.59 14.79 -6.85
CA LEU A 223 -12.08 13.43 -7.06
C LEU A 223 -11.27 12.78 -8.18
N PRO A 224 -10.94 11.51 -8.04
CA PRO A 224 -10.06 10.86 -9.02
C PRO A 224 -10.76 10.70 -10.36
N THR A 225 -9.97 10.69 -11.43
CA THR A 225 -10.57 10.49 -12.74
C THR A 225 -10.78 9.01 -13.05
N ILE A 226 -10.20 8.13 -12.25
CA ILE A 226 -10.47 6.69 -12.27
C ILE A 226 -10.86 6.32 -10.86
N PRO A 227 -11.97 5.59 -10.63
CA PRO A 227 -12.41 5.32 -9.24
C PRO A 227 -11.37 4.53 -8.43
N VAL A 228 -11.19 4.93 -7.16
CA VAL A 228 -10.19 4.35 -6.27
C VAL A 228 -10.92 3.62 -5.16
N ILE A 229 -10.70 2.31 -5.03
CA ILE A 229 -11.24 1.56 -3.89
C ILE A 229 -10.32 1.78 -2.71
N GLN A 230 -10.87 2.33 -1.62
CA GLN A 230 -10.08 2.77 -0.48
C GLN A 230 -10.02 1.72 0.62
N ASN A 231 -8.90 1.75 1.34
CA ASN A 231 -8.57 0.70 2.30
C ASN A 231 -9.56 0.59 3.47
N VAL A 232 -10.08 1.71 3.97
CA VAL A 232 -10.76 1.63 5.28
C VAL A 232 -12.10 0.90 5.15
N ASN A 233 -12.68 0.91 3.96
CA ASN A 233 -14.01 0.34 3.77
C ASN A 233 -14.13 -0.50 2.51
N ALA A 234 -13.08 -0.63 1.70
CA ALA A 234 -13.11 -1.29 0.38
C ALA A 234 -14.19 -0.66 -0.49
N GLY A 235 -14.29 0.66 -0.39
CA GLY A 235 -15.38 1.38 -1.02
C GLY A 235 -14.87 2.53 -1.85
N ILE A 236 -15.77 3.03 -2.70
CA ILE A 236 -15.46 4.10 -3.65
C ILE A 236 -16.27 5.33 -3.24
N ALA A 237 -15.57 6.44 -3.00
CA ALA A 237 -16.20 7.62 -2.43
C ALA A 237 -17.07 8.33 -3.47
N THR A 238 -18.23 8.83 -3.01
CA THR A 238 -19.10 9.65 -3.85
C THR A 238 -18.71 11.13 -3.83
N ASP A 239 -18.31 11.67 -2.67
CA ASP A 239 -17.87 13.05 -2.49
C ASP A 239 -16.34 13.15 -2.43
N VAL A 240 -15.86 14.40 -2.53
CA VAL A 240 -14.51 14.67 -2.03
C VAL A 240 -14.51 14.56 -0.52
N ALA A 241 -15.61 14.94 0.13
CA ALA A 241 -15.74 14.80 1.57
C ALA A 241 -15.61 13.34 2.01
N GLN A 242 -16.19 12.43 1.23
CA GLN A 242 -16.06 11.03 1.57
C GLN A 242 -14.64 10.54 1.31
N LEU A 243 -14.04 10.98 0.20
CA LEU A 243 -12.67 10.58 -0.11
C LEU A 243 -11.72 11.03 1.00
N ARG A 244 -11.87 12.26 1.46
CA ARG A 244 -11.03 12.79 2.55
C ARG A 244 -11.25 12.05 3.85
N GLN A 245 -12.51 11.80 4.18
CA GLN A 245 -12.86 11.08 5.40
C GLN A 245 -12.27 9.68 5.42
N ALA A 246 -12.29 9.00 4.28
CA ALA A 246 -11.71 7.67 4.21
C ALA A 246 -10.18 7.73 4.34
N LEU A 247 -9.55 8.77 3.78
CA LEU A 247 -8.11 8.96 3.97
C LEU A 247 -7.77 9.29 5.40
N THR A 248 -8.56 10.15 6.04
CA THR A 248 -8.29 10.52 7.42
C THR A 248 -8.42 9.35 8.36
N ALA A 249 -9.28 8.36 8.04
CA ALA A 249 -9.45 7.24 8.94
C ALA A 249 -8.49 6.11 8.64
N GLN A 250 -7.76 6.19 7.54
CA GLN A 250 -7.04 5.04 7.03
C GLN A 250 -5.93 4.58 7.99
N LEU A 251 -5.19 5.50 8.60
CA LEU A 251 -3.94 5.11 9.25
C LEU A 251 -4.14 4.24 10.48
N TYR A 252 -5.27 4.38 11.19
CA TYR A 252 -5.45 3.65 12.45
C TYR A 252 -6.46 2.54 12.35
N GLN A 253 -6.98 2.27 11.14
CA GLN A 253 -7.97 1.21 10.92
C GLN A 253 -7.41 0.18 9.96
N SER A 254 -8.01 -1.01 9.95
CA SER A 254 -7.53 -2.12 9.15
C SER A 254 -7.56 -1.80 7.66
N VAL A 255 -6.55 -2.31 6.95
CA VAL A 255 -6.55 -2.28 5.49
C VAL A 255 -7.41 -3.45 4.98
N GLN A 256 -8.49 -3.12 4.26
CA GLN A 256 -9.47 -4.12 3.80
C GLN A 256 -9.09 -4.65 2.41
N TRP A 257 -7.91 -5.25 2.30
CA TRP A 257 -7.42 -5.66 0.98
C TRP A 257 -8.17 -6.87 0.44
N THR A 258 -8.48 -7.84 1.30
CA THR A 258 -9.25 -9.01 0.84
C THR A 258 -10.57 -8.56 0.22
N ARG A 259 -11.26 -7.65 0.89
CA ARG A 259 -12.53 -7.15 0.39
C ARG A 259 -12.32 -6.28 -0.83
N THR A 260 -11.18 -5.57 -0.91
CA THR A 260 -10.88 -4.82 -2.12
C THR A 260 -10.76 -5.74 -3.33
N MET A 261 -9.97 -6.80 -3.20
CA MET A 261 -9.85 -7.75 -4.31
C MET A 261 -11.18 -8.45 -4.61
N GLN A 262 -11.99 -8.73 -3.59
CA GLN A 262 -13.33 -9.29 -3.84
C GLN A 262 -14.18 -8.31 -4.63
N SER A 263 -14.12 -7.03 -4.27
CA SER A 263 -14.95 -6.03 -4.93
C SER A 263 -14.53 -5.89 -6.38
N LEU A 264 -13.22 -5.90 -6.66
CA LEU A 264 -12.75 -5.81 -8.04
C LEU A 264 -13.30 -6.96 -8.87
N GLN A 265 -13.20 -8.17 -8.34
CA GLN A 265 -13.69 -9.34 -9.08
C GLN A 265 -15.19 -9.27 -9.30
N ASP A 266 -15.95 -8.80 -8.29
CA ASP A 266 -17.39 -8.62 -8.41
C ASP A 266 -17.75 -7.52 -9.40
N GLN A 267 -16.77 -6.79 -9.93
CA GLN A 267 -17.00 -5.83 -10.99
C GLN A 267 -16.48 -6.31 -12.35
N GLY A 268 -16.21 -7.59 -12.50
CA GLY A 268 -15.69 -8.09 -13.75
C GLY A 268 -14.21 -7.85 -14.00
N ILE A 269 -13.47 -7.31 -13.03
CA ILE A 269 -12.03 -7.25 -13.19
C ILE A 269 -11.47 -8.66 -13.24
N GLN A 270 -10.65 -8.93 -14.26
CA GLN A 270 -10.04 -10.24 -14.43
C GLN A 270 -8.53 -10.20 -14.54
N TYR A 271 -7.92 -9.03 -14.74
CA TYR A 271 -6.47 -8.88 -14.81
C TYR A 271 -6.07 -7.78 -13.85
N ILE A 272 -4.94 -7.96 -13.20
CA ILE A 272 -4.41 -7.00 -12.23
C ILE A 272 -2.99 -6.67 -12.64
N VAL A 273 -2.66 -5.37 -12.70
CA VAL A 273 -1.29 -4.94 -12.92
C VAL A 273 -0.81 -4.27 -11.63
N GLU A 274 0.29 -4.78 -11.07
CA GLU A 274 0.94 -4.19 -9.89
C GLU A 274 1.89 -3.12 -10.37
N CYS A 275 1.51 -1.87 -10.14
CA CYS A 275 2.23 -0.71 -10.66
C CYS A 275 3.19 -0.21 -9.58
N GLY A 276 4.33 -0.89 -9.47
CA GLY A 276 5.34 -0.55 -8.49
C GLY A 276 6.40 -1.62 -8.45
N PRO A 277 7.39 -1.45 -7.59
CA PRO A 277 8.42 -2.47 -7.45
C PRO A 277 7.89 -3.74 -6.80
N GLY A 278 8.43 -4.87 -7.23
CA GLY A 278 8.19 -6.16 -6.59
C GLY A 278 6.93 -6.84 -7.06
N THR A 279 6.61 -7.93 -6.37
CA THR A 279 5.49 -8.80 -6.73
C THR A 279 4.58 -9.10 -5.54
N VAL A 280 4.52 -8.23 -4.54
CA VAL A 280 3.77 -8.57 -3.34
C VAL A 280 2.27 -8.67 -3.64
N LEU A 281 1.71 -7.68 -4.32
CA LEU A 281 0.27 -7.63 -4.56
C LEU A 281 -0.12 -8.59 -5.67
N SER A 282 0.82 -8.84 -6.58
CA SER A 282 0.64 -9.92 -7.56
C SER A 282 0.38 -11.26 -6.90
N ASN A 283 1.26 -11.63 -5.96
CA ASN A 283 1.13 -12.92 -5.29
C ASN A 283 -0.11 -12.98 -4.41
N LEU A 284 -0.61 -11.84 -3.97
CA LEU A 284 -1.88 -11.80 -3.27
C LEU A 284 -3.07 -11.93 -4.21
N ALA A 285 -2.84 -11.82 -5.54
CA ALA A 285 -3.91 -11.76 -6.53
C ALA A 285 -4.00 -12.99 -7.41
N LYS A 286 -2.91 -13.72 -7.58
CA LYS A 286 -2.96 -15.05 -8.17
C LYS A 286 -3.22 -16.04 -7.06
N ARG A 287 -4.38 -16.71 -7.17
CA ARG A 287 -5.03 -17.64 -6.25
C ARG A 287 -6.46 -17.15 -6.08
N LEU A 288 -6.77 -15.97 -6.68
CA LEU A 288 -8.15 -15.48 -6.66
C LEU A 288 -8.93 -16.11 -7.80
N PRO A 289 -10.17 -16.54 -7.54
CA PRO A 289 -10.88 -17.37 -8.53
C PRO A 289 -11.26 -16.66 -9.81
N ASN A 290 -11.46 -15.35 -9.80
CA ASN A 290 -11.88 -14.66 -11.01
C ASN A 290 -10.78 -13.82 -11.63
N ILE A 291 -9.58 -13.84 -11.06
CA ILE A 291 -8.42 -13.16 -11.62
C ILE A 291 -7.69 -14.11 -12.57
N GLU A 292 -7.83 -13.86 -13.87
CA GLU A 292 -7.11 -14.64 -14.88
C GLU A 292 -5.60 -14.53 -14.70
N LYS A 293 -5.08 -13.31 -14.62
CA LYS A 293 -3.65 -13.13 -14.52
C LYS A 293 -3.35 -11.82 -13.80
N ALA A 294 -2.19 -11.79 -13.15
CA ALA A 294 -1.66 -10.61 -12.47
C ALA A 294 -0.24 -10.36 -12.95
N PHE A 295 0.08 -9.11 -13.23
CA PHE A 295 1.37 -8.71 -13.79
C PHE A 295 2.01 -7.68 -12.87
N SER A 296 3.32 -7.81 -12.68
CA SER A 296 4.18 -6.71 -12.26
C SER A 296 4.89 -6.13 -13.47
N ILE A 297 5.22 -4.84 -13.40
CA ILE A 297 5.81 -4.17 -14.56
C ILE A 297 7.16 -3.58 -14.18
N ASP A 298 7.90 -4.36 -13.40
CA ASP A 298 9.11 -3.95 -12.70
C ASP A 298 10.32 -3.74 -13.59
N SER A 299 10.31 -4.30 -14.80
CA SER A 299 11.49 -4.38 -15.64
C SER A 299 11.09 -4.13 -17.07
N LYS A 300 12.13 -3.99 -17.93
CA LYS A 300 11.92 -3.85 -19.36
C LYS A 300 11.00 -4.94 -19.89
N SER A 301 11.35 -6.20 -19.60
CA SER A 301 10.60 -7.33 -20.15
C SER A 301 9.23 -7.46 -19.51
N LYS A 302 9.13 -7.24 -18.19
CA LYS A 302 7.83 -7.32 -17.52
C LYS A 302 6.88 -6.25 -18.07
N MET A 303 7.41 -5.05 -18.33
CA MET A 303 6.58 -3.94 -18.82
C MET A 303 6.00 -4.23 -20.21
N GLU A 304 6.83 -4.65 -21.15
CA GLU A 304 6.31 -4.93 -22.49
C GLU A 304 5.37 -6.14 -22.48
N ASP A 305 5.75 -7.19 -21.74
CA ASP A 305 4.88 -8.37 -21.63
C ASP A 305 3.53 -8.01 -21.05
N ALA A 306 3.51 -7.18 -20.00
CA ALA A 306 2.23 -6.77 -19.43
C ALA A 306 1.49 -5.83 -20.36
N LEU A 307 2.21 -4.96 -21.06
CA LEU A 307 1.59 -4.11 -22.07
C LEU A 307 0.89 -4.96 -23.12
N ASN A 308 1.60 -5.96 -23.63
CA ASN A 308 1.03 -6.86 -24.62
C ASN A 308 -0.20 -7.56 -24.07
N ALA A 309 -0.02 -8.32 -22.99
CA ALA A 309 -1.08 -9.20 -22.50
C ALA A 309 -2.37 -8.44 -22.19
N VAL A 310 -2.25 -7.25 -21.60
CA VAL A 310 -3.45 -6.48 -21.29
C VAL A 310 -4.13 -5.98 -22.55
N LEU A 311 -3.33 -5.57 -23.54
CA LEU A 311 -3.87 -5.11 -24.81
C LEU A 311 -4.59 -6.25 -25.54
N VAL A 312 -4.06 -7.46 -25.42
CA VAL A 312 -4.71 -8.62 -26.02
C VAL A 312 -6.03 -8.90 -25.31
N ALA A 313 -6.00 -8.97 -23.99
CA ALA A 313 -7.20 -9.37 -23.24
C ALA A 313 -8.31 -8.35 -23.35
N ALA A 314 -7.99 -7.13 -23.72
CA ALA A 314 -8.93 -6.02 -23.68
C ALA A 314 -9.35 -5.66 -25.10
#